data_7JUF
#
_entry.id   7JUF
#
_cell.length_a   34.414
_cell.length_b   56.376
_cell.length_c   61.370
_cell.angle_alpha   90.000
_cell.angle_beta   100.920
_cell.angle_gamma   90.000
#
_symmetry.space_group_name_H-M   'P 1 21 1'
#
loop_
_entity.id
_entity.type
_entity.pdbx_description
1 polymer 'Macrophage mannose receptor 1'
2 branched alpha-D-mannopyranose-(1-2)-alpha-D-mannopyranose
3 non-polymer 'CALCIUM ION'
4 non-polymer DI(HYDROXYETHYL)ETHER
5 water water
#
_entity_poly.entity_id   1
_entity_poly.type   'polypeptide(L)'
_entity_poly.pdbx_seq_one_letter_code
;ACPEDWGASSRTSLCFKLYAKGKHEKKTWFESRDFCRALGGDLASINNKEEQQTIWRLITASGSYHKLFWLGLTYGSPSE
GFTWSDGSPVSYENWAYGEPNNYQNVEYCGELKGDPTMSWNDINCEHLNNWICQI
;
_entity_poly.pdbx_strand_id   A,B
#
loop_
_chem_comp.id
_chem_comp.type
_chem_comp.name
_chem_comp.formula
CA non-polymer 'CALCIUM ION' 'Ca 2'
MAN D-saccharide, alpha linking alpha-D-mannopyranose 'C6 H12 O6'
PEG non-polymer DI(HYDROXYETHYL)ETHER 'C4 H10 O3'
#
# COMPACT_ATOMS: atom_id res chain seq x y z
N ARG A 11 -14.09 13.90 -17.46
CA ARG A 11 -14.89 13.35 -18.55
C ARG A 11 -14.05 13.18 -19.81
N THR A 12 -12.88 13.83 -19.86
CA THR A 12 -12.04 13.86 -21.04
C THR A 12 -10.74 13.09 -20.90
N SER A 13 -10.49 12.45 -19.76
CA SER A 13 -9.28 11.64 -19.66
C SER A 13 -9.45 10.60 -18.56
N LEU A 14 -8.64 9.56 -18.66
CA LEU A 14 -8.43 8.65 -17.54
C LEU A 14 -7.29 9.18 -16.70
N CYS A 15 -7.37 8.93 -15.41
CA CYS A 15 -6.33 9.31 -14.45
CA CYS A 15 -6.29 9.30 -14.49
C CYS A 15 -5.61 8.05 -13.96
N PHE A 16 -4.34 8.20 -13.60
CA PHE A 16 -3.52 7.07 -13.18
C PHE A 16 -3.24 7.14 -11.68
N LYS A 17 -3.04 5.97 -11.07
CA LYS A 17 -2.68 5.92 -9.66
C LYS A 17 -1.72 4.77 -9.42
N LEU A 18 -0.63 5.06 -8.69
CA LEU A 18 0.34 4.04 -8.34
C LEU A 18 -0.12 3.25 -7.13
N TYR A 19 0.14 1.94 -7.15
CA TYR A 19 -0.06 1.07 -6.01
C TYR A 19 1.28 0.39 -5.70
N ALA A 20 2.10 1.07 -4.90
CA ALA A 20 3.37 0.52 -4.45
C ALA A 20 3.12 -0.15 -3.11
N LYS A 21 3.48 -1.43 -3.00
CA LYS A 21 3.09 -2.26 -1.88
C LYS A 21 4.29 -3.04 -1.35
N GLY A 22 4.30 -3.28 -0.04
CA GLY A 22 5.20 -4.28 0.50
C GLY A 22 4.81 -5.66 0.01
N LYS A 23 5.72 -6.63 0.17
CA LYS A 23 5.46 -7.96 -0.38
C LYS A 23 4.15 -8.56 0.12
N HIS A 24 3.77 -8.28 1.37
CA HIS A 24 2.54 -8.81 1.94
C HIS A 24 1.30 -8.30 1.22
N GLU A 25 1.42 -7.25 0.40
CA GLU A 25 0.27 -6.73 -0.34
C GLU A 25 0.51 -6.67 -1.84
N LYS A 26 1.61 -7.21 -2.35
CA LYS A 26 1.81 -7.27 -3.79
C LYS A 26 0.87 -8.31 -4.42
N LYS A 27 0.72 -8.21 -5.75
CA LYS A 27 -0.30 -8.98 -6.46
C LYS A 27 0.26 -9.52 -7.76
N THR A 28 -0.34 -10.62 -8.21
CA THR A 28 -0.05 -11.12 -9.55
C THR A 28 -0.69 -10.20 -10.58
N TRP A 29 -0.41 -10.44 -11.87
CA TRP A 29 -1.01 -9.61 -12.90
C TRP A 29 -2.54 -9.70 -12.86
N PHE A 30 -3.07 -10.92 -12.80
CA PHE A 30 -4.52 -11.10 -12.78
C PHE A 30 -5.15 -10.52 -11.52
N GLU A 31 -4.52 -10.71 -10.36
CA GLU A 31 -5.04 -10.09 -9.14
C GLU A 31 -5.07 -8.57 -9.27
N SER A 32 -4.04 -7.99 -9.91
CA SER A 32 -3.98 -6.53 -10.06
C SER A 32 -5.06 -6.06 -11.02
N ARG A 33 -5.26 -6.78 -12.13
CA ARG A 33 -6.33 -6.43 -13.06
C ARG A 33 -7.67 -6.45 -12.34
N ASP A 34 -7.92 -7.51 -11.55
CA ASP A 34 -9.20 -7.61 -10.85
C ASP A 34 -9.37 -6.46 -9.87
N PHE A 35 -8.29 -6.08 -9.18
CA PHE A 35 -8.37 -4.98 -8.23
C PHE A 35 -8.77 -3.68 -8.94
N CYS A 36 -8.08 -3.34 -10.04
CA CYS A 36 -8.37 -2.09 -10.72
C CYS A 36 -9.78 -2.09 -11.30
N ARG A 37 -10.22 -3.22 -11.83
CA ARG A 37 -11.57 -3.29 -12.37
C ARG A 37 -12.63 -3.15 -11.29
N ALA A 38 -12.37 -3.69 -10.10
CA ALA A 38 -13.33 -3.63 -9.00
C ALA A 38 -13.54 -2.21 -8.49
N LEU A 39 -12.62 -1.29 -8.73
CA LEU A 39 -12.83 0.10 -8.36
C LEU A 39 -13.34 0.94 -9.53
N GLY A 40 -13.69 0.31 -10.64
CA GLY A 40 -14.26 1.01 -11.77
C GLY A 40 -13.29 1.36 -12.88
N GLY A 41 -12.05 0.86 -12.83
CA GLY A 41 -11.05 1.17 -13.83
C GLY A 41 -10.45 -0.10 -14.44
N ASP A 42 -9.15 -0.04 -14.69
CA ASP A 42 -8.42 -1.15 -15.30
C ASP A 42 -6.95 -0.94 -14.99
N LEU A 43 -6.12 -1.94 -15.31
CA LEU A 43 -4.69 -1.72 -15.28
C LEU A 43 -4.31 -0.64 -16.29
N ALA A 44 -3.26 0.11 -15.98
CA ALA A 44 -2.89 1.25 -16.81
C ALA A 44 -2.33 0.82 -18.17
N SER A 45 -2.76 1.52 -19.21
CA SER A 45 -2.16 1.41 -20.53
CA SER A 45 -2.16 1.40 -20.53
C SER A 45 -1.33 2.65 -20.82
N ILE A 46 -0.18 2.46 -21.46
CA ILE A 46 0.67 3.56 -21.87
C ILE A 46 0.67 3.56 -23.39
N ASN A 47 -0.10 4.47 -23.98
CA ASN A 47 -0.35 4.46 -25.42
C ASN A 47 0.39 5.56 -26.17
N ASN A 48 1.15 6.40 -25.46
CA ASN A 48 1.85 7.52 -26.10
C ASN A 48 2.81 8.11 -25.07
N LYS A 49 3.66 9.03 -25.55
CA LYS A 49 4.65 9.66 -24.68
C LYS A 49 4.02 10.53 -23.60
N GLU A 50 2.85 11.10 -23.87
CA GLU A 50 2.20 11.92 -22.85
C GLU A 50 1.82 11.10 -21.63
N GLU A 51 1.23 9.92 -21.85
CA GLU A 51 0.87 9.05 -20.73
C GLU A 51 2.12 8.56 -19.98
N GLN A 52 3.19 8.27 -20.72
CA GLN A 52 4.44 7.89 -20.08
C GLN A 52 4.92 9.00 -19.14
N GLN A 53 4.87 10.25 -19.60
CA GLN A 53 5.29 11.37 -18.76
C GLN A 53 4.40 11.51 -17.54
N THR A 54 3.08 11.36 -17.71
CA THR A 54 2.17 11.47 -16.57
C THR A 54 2.53 10.47 -15.49
N ILE A 55 2.84 9.23 -15.89
CA ILE A 55 3.14 8.21 -14.90
C ILE A 55 4.52 8.44 -14.28
N TRP A 56 5.50 8.87 -15.08
CA TRP A 56 6.80 9.24 -14.53
C TRP A 56 6.66 10.33 -13.48
N ARG A 57 5.82 11.34 -13.73
CA ARG A 57 5.62 12.41 -12.75
C ARG A 57 5.02 11.88 -11.45
N LEU A 58 4.09 10.92 -11.54
CA LEU A 58 3.55 10.30 -10.33
C LEU A 58 4.66 9.61 -9.55
N ILE A 59 5.57 8.93 -10.25
CA ILE A 59 6.69 8.27 -9.60
C ILE A 59 7.59 9.28 -8.91
N THR A 60 7.92 10.39 -9.59
CA THR A 60 8.77 11.40 -8.96
C THR A 60 8.09 12.02 -7.75
N ALA A 61 6.77 12.20 -7.81
CA ALA A 61 6.06 12.83 -6.70
C ALA A 61 6.03 11.94 -5.47
N SER A 62 6.07 10.63 -5.64
CA SER A 62 5.91 9.74 -4.50
C SER A 62 7.24 9.29 -3.90
N GLY A 63 8.36 9.62 -4.53
CA GLY A 63 9.63 9.03 -4.15
C GLY A 63 9.67 7.53 -4.36
N SER A 64 8.67 6.96 -5.05
CA SER A 64 8.62 5.53 -5.28
C SER A 64 9.61 5.12 -6.36
N TYR A 65 10.89 5.40 -6.14
CA TYR A 65 11.90 5.24 -7.17
C TYR A 65 12.35 3.79 -7.32
N HIS A 66 12.81 3.48 -8.54
CA HIS A 66 13.36 2.18 -8.93
C HIS A 66 12.40 1.01 -8.77
N LYS A 67 11.11 1.28 -8.53
CA LYS A 67 10.15 0.20 -8.34
C LYS A 67 9.67 -0.33 -9.69
N LEU A 68 9.19 -1.58 -9.66
CA LEU A 68 8.60 -2.23 -10.82
C LEU A 68 7.09 -2.32 -10.62
N PHE A 69 6.34 -2.18 -11.71
CA PHE A 69 4.88 -2.12 -11.62
C PHE A 69 4.25 -2.91 -12.75
N TRP A 70 3.20 -3.68 -12.44
CA TRP A 70 2.37 -4.23 -13.51
C TRP A 70 1.70 -3.11 -14.28
N LEU A 71 1.72 -3.22 -15.61
CA LEU A 71 0.85 -2.47 -16.51
C LEU A 71 -0.18 -3.43 -17.10
N GLY A 72 -1.11 -2.88 -17.89
CA GLY A 72 -2.13 -3.70 -18.52
C GLY A 72 -1.70 -4.52 -19.72
N LEU A 73 -0.40 -4.70 -19.93
CA LEU A 73 0.10 -5.45 -21.07
C LEU A 73 -0.03 -6.95 -20.82
N THR A 74 -0.70 -7.65 -21.73
CA THR A 74 -0.82 -9.10 -21.62
C THR A 74 -0.90 -9.70 -23.01
N TYR A 75 -0.31 -10.88 -23.17
CA TYR A 75 -0.30 -11.53 -24.47
C TYR A 75 -1.66 -12.14 -24.74
N GLY A 76 -2.17 -11.92 -25.94
CA GLY A 76 -3.43 -12.53 -26.34
C GLY A 76 -3.20 -13.85 -27.07
N SER A 77 -4.03 -14.12 -28.08
CA SER A 77 -3.81 -15.26 -28.94
C SER A 77 -2.60 -14.98 -29.83
N PRO A 78 -2.06 -16.01 -30.51
CA PRO A 78 -0.93 -15.75 -31.42
C PRO A 78 -1.25 -14.72 -32.50
N SER A 79 -2.48 -14.69 -33.01
CA SER A 79 -2.83 -13.71 -34.03
C SER A 79 -3.11 -12.32 -33.47
N GLU A 80 -3.09 -12.14 -32.15
CA GLU A 80 -3.23 -10.83 -31.51
C GLU A 80 -1.92 -10.28 -30.99
N GLY A 81 -1.03 -11.14 -30.48
CA GLY A 81 0.19 -10.66 -29.85
C GLY A 81 -0.12 -9.94 -28.54
N PHE A 82 0.79 -9.05 -28.15
CA PHE A 82 0.56 -8.27 -26.94
C PHE A 82 -0.61 -7.33 -27.11
N THR A 83 -1.43 -7.25 -26.06
CA THR A 83 -2.63 -6.44 -26.01
C THR A 83 -2.62 -5.63 -24.73
N TRP A 84 -3.47 -4.62 -24.68
CA TRP A 84 -3.74 -3.88 -23.45
C TRP A 84 -5.05 -4.38 -22.86
N SER A 85 -5.08 -4.56 -21.54
CA SER A 85 -6.30 -5.06 -20.91
CA SER A 85 -6.29 -5.03 -20.86
C SER A 85 -7.50 -4.17 -21.16
N ASP A 86 -7.30 -2.85 -21.34
CA ASP A 86 -8.40 -1.95 -21.63
C ASP A 86 -8.80 -1.93 -23.10
N GLY A 87 -8.20 -2.78 -23.93
CA GLY A 87 -8.55 -2.87 -25.33
C GLY A 87 -7.93 -1.82 -26.21
N SER A 88 -7.15 -0.90 -25.65
CA SER A 88 -6.56 0.18 -26.44
C SER A 88 -5.48 -0.37 -27.38
N PRO A 89 -5.17 0.35 -28.46
CA PRO A 89 -4.18 -0.15 -29.41
C PRO A 89 -2.77 -0.09 -28.85
N VAL A 90 -1.93 -1.01 -29.32
CA VAL A 90 -0.50 -0.91 -29.04
C VAL A 90 0.08 0.11 -30.01
N SER A 91 -0.18 1.39 -29.75
CA SER A 91 0.19 2.51 -30.61
C SER A 91 1.53 3.11 -30.25
N TYR A 92 2.18 2.58 -29.22
CA TYR A 92 3.45 3.06 -28.72
C TYR A 92 4.10 1.85 -28.05
N GLU A 93 5.41 1.74 -28.16
CA GLU A 93 6.12 0.70 -27.43
C GLU A 93 7.37 1.28 -26.81
N ASN A 94 7.67 0.82 -25.59
CA ASN A 94 8.89 1.26 -24.92
C ASN A 94 9.57 0.07 -24.25
N TRP A 95 9.65 -1.05 -24.96
CA TRP A 95 10.30 -2.23 -24.42
C TRP A 95 11.77 -1.96 -24.14
N ALA A 96 12.25 -2.50 -23.03
CA ALA A 96 13.68 -2.51 -22.75
C ALA A 96 14.41 -3.30 -23.84
N TYR A 97 15.72 -3.07 -23.95
CA TYR A 97 16.49 -3.71 -25.03
C TYR A 97 16.37 -5.23 -24.97
N GLY A 98 16.08 -5.83 -26.13
CA GLY A 98 15.86 -7.26 -26.22
C GLY A 98 14.48 -7.75 -25.82
N GLU A 99 13.65 -6.89 -25.25
CA GLU A 99 12.32 -7.31 -24.80
C GLU A 99 11.28 -6.99 -25.87
N PRO A 100 10.14 -7.71 -25.87
CA PRO A 100 9.84 -8.86 -25.01
C PRO A 100 10.61 -10.08 -25.50
N ASN A 101 11.10 -10.91 -24.58
CA ASN A 101 11.92 -12.04 -24.96
C ASN A 101 11.31 -13.39 -24.60
N ASN A 102 10.14 -13.41 -23.97
CA ASN A 102 9.51 -14.63 -23.47
C ASN A 102 10.53 -15.57 -22.86
N TYR A 103 11.23 -15.08 -21.83
CA TYR A 103 12.34 -15.81 -21.24
C TYR A 103 11.85 -17.12 -20.65
N GLN A 104 12.44 -18.22 -21.12
CA GLN A 104 12.08 -19.58 -20.72
C GLN A 104 10.62 -19.91 -21.04
N ASN A 105 10.01 -19.17 -21.96
CA ASN A 105 8.70 -19.46 -22.54
C ASN A 105 7.53 -19.25 -21.58
N VAL A 106 7.73 -18.53 -20.48
CA VAL A 106 6.68 -18.39 -19.48
C VAL A 106 6.32 -16.95 -19.16
N GLU A 107 6.73 -16.00 -20.00
CA GLU A 107 6.54 -14.57 -19.71
C GLU A 107 5.49 -13.96 -20.62
N TYR A 108 4.29 -13.72 -20.08
CA TYR A 108 3.18 -13.25 -20.90
C TYR A 108 2.53 -11.96 -20.41
N CYS A 109 3.11 -11.29 -19.41
CA CYS A 109 2.55 -10.06 -18.87
C CYS A 109 3.63 -8.98 -18.80
N GLY A 110 3.23 -7.73 -18.94
CA GLY A 110 4.19 -6.63 -19.03
C GLY A 110 4.32 -5.85 -17.75
N GLU A 111 5.56 -5.58 -17.37
CA GLU A 111 5.87 -4.74 -16.22
C GLU A 111 6.66 -3.51 -16.65
N LEU A 112 6.41 -2.42 -15.94
CA LEU A 112 7.12 -1.16 -16.10
C LEU A 112 8.29 -1.10 -15.12
N LYS A 113 9.47 -0.75 -15.62
CA LYS A 113 10.60 -0.39 -14.77
C LYS A 113 10.49 1.11 -14.49
N GLY A 114 10.08 1.46 -13.26
CA GLY A 114 9.75 2.82 -12.91
C GLY A 114 10.95 3.70 -12.62
N ASP A 115 11.95 3.64 -13.50
CA ASP A 115 13.10 4.55 -13.44
C ASP A 115 12.98 5.52 -14.63
N PRO A 116 13.93 6.43 -14.84
CA PRO A 116 13.76 7.40 -15.93
C PRO A 116 13.57 6.79 -17.30
N THR A 117 14.04 5.56 -17.54
CA THR A 117 13.84 4.95 -18.86
C THR A 117 12.39 4.56 -19.09
N MET A 118 11.64 4.31 -18.02
CA MET A 118 10.24 3.92 -18.12
C MET A 118 10.05 2.73 -19.07
N SER A 119 11.01 1.80 -19.05
CA SER A 119 11.02 0.71 -20.02
C SER A 119 10.11 -0.43 -19.59
N TRP A 120 9.77 -1.29 -20.55
CA TRP A 120 8.86 -2.42 -20.34
C TRP A 120 9.59 -3.75 -20.48
N ASN A 121 9.15 -4.73 -19.70
CA ASN A 121 9.71 -6.08 -19.75
C ASN A 121 8.57 -7.08 -19.59
N ASP A 122 8.57 -8.13 -20.40
CA ASP A 122 7.65 -9.24 -20.16
C ASP A 122 8.19 -10.13 -19.05
N ILE A 123 7.29 -10.53 -18.15
CA ILE A 123 7.63 -11.41 -17.05
C ILE A 123 6.48 -12.37 -16.80
N ASN A 124 6.74 -13.38 -15.97
CA ASN A 124 5.74 -14.37 -15.61
C ASN A 124 4.57 -13.68 -14.91
N CYS A 125 3.36 -13.97 -15.39
CA CYS A 125 2.15 -13.32 -14.89
C CYS A 125 1.86 -13.61 -13.43
N GLU A 126 2.43 -14.68 -12.88
CA GLU A 126 2.18 -15.04 -11.50
C GLU A 126 3.19 -14.43 -10.53
N HIS A 127 4.12 -13.62 -11.03
CA HIS A 127 5.02 -12.93 -10.12
CA HIS A 127 5.04 -12.88 -10.16
C HIS A 127 4.28 -11.85 -9.33
N LEU A 128 4.74 -11.62 -8.11
CA LEU A 128 4.15 -10.61 -7.25
C LEU A 128 4.78 -9.25 -7.53
N ASN A 129 3.95 -8.24 -7.75
CA ASN A 129 4.47 -6.94 -8.12
C ASN A 129 3.59 -5.83 -7.55
N ASN A 130 4.13 -4.61 -7.59
CA ASN A 130 3.31 -3.40 -7.53
C ASN A 130 2.46 -3.29 -8.79
N TRP A 131 1.57 -2.30 -8.85
CA TRP A 131 0.75 -2.13 -10.05
C TRP A 131 0.30 -0.68 -10.20
N ILE A 132 -0.22 -0.35 -11.38
CA ILE A 132 -0.76 0.98 -11.67
C ILE A 132 -2.16 0.81 -12.24
N CYS A 133 -3.13 1.52 -11.67
CA CYS A 133 -4.48 1.52 -12.23
C CYS A 133 -4.74 2.81 -13.00
N GLN A 134 -5.72 2.74 -13.90
CA GLN A 134 -6.30 3.91 -14.54
C GLN A 134 -7.79 3.91 -14.26
N ILE A 135 -8.39 5.10 -14.21
CA ILE A 135 -9.84 5.21 -14.06
C ILE A 135 -10.37 6.46 -14.74
N CYS B 2 -12.24 17.57 22.07
CA CYS B 2 -11.55 16.51 22.81
C CYS B 2 -11.31 16.91 24.26
N PRO B 3 -11.30 15.93 25.16
CA PRO B 3 -10.80 16.17 26.51
C PRO B 3 -9.33 16.58 26.45
N GLU B 4 -8.90 17.30 27.48
CA GLU B 4 -7.55 17.87 27.47
C GLU B 4 -6.46 16.82 27.62
N ASP B 5 -6.78 15.59 27.98
CA ASP B 5 -5.81 14.51 28.01
C ASP B 5 -5.77 13.71 26.70
N TRP B 6 -6.54 14.13 25.70
CA TRP B 6 -6.50 13.53 24.37
C TRP B 6 -5.97 14.57 23.38
N GLY B 7 -5.48 14.07 22.24
CA GLY B 7 -4.94 14.92 21.20
C GLY B 7 -5.93 15.09 20.06
N ALA B 8 -6.16 16.36 19.70
CA ALA B 8 -7.15 16.75 18.70
C ALA B 8 -6.48 17.29 17.45
N SER B 9 -7.12 17.08 16.31
CA SER B 9 -6.67 17.63 15.04
C SER B 9 -7.63 18.72 14.59
N SER B 13 -11.38 15.36 13.47
CA SER B 13 -12.37 15.29 14.53
C SER B 13 -12.03 14.21 15.57
N LEU B 14 -11.37 13.14 15.11
CA LEU B 14 -10.98 12.07 16.03
C LEU B 14 -10.04 12.61 17.10
N CYS B 15 -10.14 12.05 18.30
CA CYS B 15 -9.23 12.33 19.40
C CYS B 15 -8.39 11.08 19.64
N PHE B 16 -7.12 11.26 19.96
CA PHE B 16 -6.21 10.14 20.16
C PHE B 16 -5.59 10.19 21.55
N LYS B 17 -5.23 9.01 22.06
CA LYS B 17 -4.55 8.93 23.34
CA LYS B 17 -4.56 8.91 23.35
C LYS B 17 -3.58 7.75 23.33
N LEU B 18 -2.36 8.00 23.83
CA LEU B 18 -1.33 6.97 23.94
C LEU B 18 -1.52 6.18 25.23
N TYR B 19 -1.25 4.88 25.14
CA TYR B 19 -1.21 4.00 26.31
C TYR B 19 0.16 3.32 26.28
N ALA B 20 1.11 3.91 27.01
CA ALA B 20 2.46 3.39 27.15
C ALA B 20 2.54 2.68 28.49
N LYS B 21 2.91 1.41 28.46
CA LYS B 21 2.83 0.54 29.63
C LYS B 21 4.14 -0.18 29.87
N GLY B 22 4.38 -0.54 31.14
CA GLY B 22 5.38 -1.54 31.42
C GLY B 22 5.00 -2.88 30.81
N LYS B 23 6.00 -3.75 30.62
CA LYS B 23 5.75 -4.95 29.82
C LYS B 23 4.64 -5.81 30.41
N HIS B 24 4.51 -5.84 31.74
CA HIS B 24 3.46 -6.62 32.37
C HIS B 24 2.06 -6.12 32.02
N GLU B 25 1.92 -4.88 31.57
CA GLU B 25 0.63 -4.33 31.16
C GLU B 25 0.48 -4.16 29.65
N LYS B 26 1.50 -4.50 28.87
CA LYS B 26 1.33 -4.46 27.43
C LYS B 26 0.31 -5.51 26.98
N LYS B 27 -0.21 -5.33 25.77
CA LYS B 27 -1.34 -6.10 25.29
C LYS B 27 -1.12 -6.62 23.88
N THR B 28 -1.77 -7.73 23.55
CA THR B 28 -1.83 -8.16 22.16
C THR B 28 -2.69 -7.19 21.36
N TRP B 29 -2.69 -7.36 20.04
CA TRP B 29 -3.52 -6.50 19.20
C TRP B 29 -4.98 -6.60 19.58
N PHE B 30 -5.48 -7.82 19.75
CA PHE B 30 -6.89 -8.02 20.09
C PHE B 30 -7.23 -7.46 21.46
N GLU B 31 -6.32 -7.64 22.43
CA GLU B 31 -6.57 -7.09 23.76
C GLU B 31 -6.62 -5.57 23.72
N SER B 32 -5.76 -4.96 22.91
CA SER B 32 -5.75 -3.51 22.76
C SER B 32 -7.04 -3.03 22.11
N ARG B 33 -7.49 -3.74 21.08
CA ARG B 33 -8.76 -3.41 20.44
C ARG B 33 -9.90 -3.46 21.45
N ASP B 34 -9.94 -4.50 22.28
CA ASP B 34 -11.00 -4.61 23.28
C ASP B 34 -10.95 -3.46 24.28
N PHE B 35 -9.75 -3.04 24.66
CA PHE B 35 -9.63 -1.93 25.60
C PHE B 35 -10.18 -0.65 25.00
N CYS B 36 -9.78 -0.34 23.76
CA CYS B 36 -10.25 0.90 23.15
C CYS B 36 -11.76 0.85 22.89
N ARG B 37 -12.27 -0.31 22.48
CA ARG B 37 -13.71 -0.43 22.24
C ARG B 37 -14.51 -0.34 23.54
N ALA B 38 -13.95 -0.78 24.66
CA ALA B 38 -14.65 -0.70 25.93
C ALA B 38 -14.91 0.74 26.34
N LEU B 39 -14.07 1.68 25.90
CA LEU B 39 -14.26 3.10 26.15
C LEU B 39 -15.21 3.75 25.15
N GLY B 40 -15.73 3.01 24.19
CA GLY B 40 -16.58 3.58 23.17
C GLY B 40 -15.86 4.02 21.91
N GLY B 41 -14.57 3.71 21.79
CA GLY B 41 -13.80 4.07 20.61
C GLY B 41 -13.21 2.87 19.91
N ASP B 42 -11.97 2.97 19.45
CA ASP B 42 -11.34 1.88 18.71
C ASP B 42 -9.83 2.09 18.73
N LEU B 43 -9.10 1.06 18.29
CA LEU B 43 -7.69 1.24 18.03
C LEU B 43 -7.51 2.34 16.98
N ALA B 44 -6.45 3.12 17.13
CA ALA B 44 -6.29 4.33 16.31
C ALA B 44 -6.08 4.01 14.83
N SER B 45 -6.76 4.77 13.98
CA SER B 45 -6.46 4.82 12.56
CA SER B 45 -6.49 4.83 12.56
C SER B 45 -5.75 6.14 12.27
N ILE B 46 -4.86 6.10 11.29
CA ILE B 46 -4.11 7.29 10.87
C ILE B 46 -4.45 7.52 9.41
N ASN B 47 -5.33 8.49 9.15
CA ASN B 47 -5.97 8.65 7.85
C ASN B 47 -5.38 9.77 7.00
N ASN B 48 -4.45 10.55 7.54
CA ASN B 48 -3.85 11.66 6.81
C ASN B 48 -2.66 12.18 7.61
N LYS B 49 -1.91 13.11 7.00
CA LYS B 49 -0.73 13.65 7.66
C LYS B 49 -1.07 14.46 8.90
N GLU B 50 -2.25 15.09 8.95
CA GLU B 50 -2.60 15.87 10.13
C GLU B 50 -2.77 14.96 11.35
N GLU B 51 -3.49 13.84 11.18
CA GLU B 51 -3.62 12.89 12.27
C GLU B 51 -2.28 12.31 12.69
N GLN B 52 -1.40 12.04 11.71
CA GLN B 52 -0.06 11.58 12.04
C GLN B 52 0.67 12.59 12.91
N GLN B 53 0.61 13.88 12.54
CA GLN B 53 1.29 14.90 13.33
C GLN B 53 0.70 15.02 14.73
N THR B 54 -0.63 14.89 14.85
CA THR B 54 -1.25 14.93 16.16
C THR B 54 -0.70 13.85 17.08
N ILE B 55 -0.59 12.62 16.55
CA ILE B 55 -0.07 11.52 17.35
C ILE B 55 1.41 11.73 17.68
N TRP B 56 2.20 12.20 16.70
CA TRP B 56 3.60 12.49 16.99
C TRP B 56 3.72 13.52 18.11
N ARG B 57 2.90 14.57 18.07
CA ARG B 57 2.94 15.56 19.14
C ARG B 57 2.57 14.97 20.49
N LEU B 58 1.64 14.00 20.52
CA LEU B 58 1.38 13.29 21.77
C LEU B 58 2.61 12.54 22.25
N ILE B 59 3.37 11.94 21.32
CA ILE B 59 4.60 11.26 21.70
C ILE B 59 5.60 12.26 22.29
N THR B 60 5.73 13.44 21.66
CA THR B 60 6.68 14.42 22.21
C THR B 60 6.24 14.88 23.59
N ALA B 61 4.95 15.03 23.81
CA ALA B 61 4.47 15.47 25.11
C ALA B 61 4.78 14.45 26.20
N SER B 62 4.84 13.17 25.85
CA SER B 62 5.03 12.12 26.84
C SER B 62 6.47 11.64 26.98
N GLY B 63 7.35 12.01 26.05
CA GLY B 63 8.67 11.40 26.01
C GLY B 63 8.69 9.94 25.61
N SER B 64 7.70 9.50 24.82
CA SER B 64 7.60 8.09 24.40
C SER B 64 8.47 7.78 23.18
N TYR B 65 9.67 8.34 23.12
CA TYR B 65 10.50 8.20 21.93
C TYR B 65 10.96 6.76 21.72
N HIS B 66 10.89 6.31 20.46
CA HIS B 66 11.32 5.01 19.98
C HIS B 66 10.42 3.87 20.42
N LYS B 67 9.36 4.14 21.18
CA LYS B 67 8.48 3.05 21.60
C LYS B 67 7.60 2.59 20.44
N LEU B 68 7.13 1.34 20.55
CA LEU B 68 6.26 0.73 19.56
C LEU B 68 4.83 0.72 20.09
N PHE B 69 3.88 1.02 19.22
CA PHE B 69 2.47 1.08 19.61
C PHE B 69 1.61 0.35 18.60
N TRP B 70 0.65 -0.44 19.09
CA TRP B 70 -0.35 -0.97 18.17
C TRP B 70 -1.20 0.15 17.58
N LEU B 71 -1.47 0.04 16.28
CA LEU B 71 -2.51 0.77 15.58
C LEU B 71 -3.62 -0.20 15.21
N GLY B 72 -4.68 0.32 14.61
CA GLY B 72 -5.79 -0.53 14.20
C GLY B 72 -5.54 -1.37 12.96
N LEU B 73 -4.31 -1.43 12.45
CA LEU B 73 -4.00 -2.18 11.24
C LEU B 73 -4.17 -3.67 11.46
N THR B 74 -4.96 -4.32 10.61
CA THR B 74 -5.11 -5.76 10.64
C THR B 74 -5.37 -6.28 9.23
N TYR B 75 -4.82 -7.45 8.92
CA TYR B 75 -4.97 -7.98 7.57
C TYR B 75 -6.40 -8.46 7.37
N GLY B 76 -7.00 -8.07 6.24
CA GLY B 76 -8.33 -8.55 5.88
C GLY B 76 -8.25 -9.75 4.97
N SER B 77 -9.05 -9.75 3.89
CA SER B 77 -8.97 -10.82 2.93
C SER B 77 -7.67 -10.72 2.13
N PRO B 78 -7.26 -11.79 1.44
CA PRO B 78 -6.10 -11.68 0.55
C PRO B 78 -6.23 -10.58 -0.49
N SER B 79 -7.44 -10.29 -0.97
CA SER B 79 -7.57 -9.26 -1.99
C SER B 79 -7.47 -7.84 -1.42
N GLU B 80 -7.90 -7.65 -0.16
CA GLU B 80 -7.92 -6.31 0.43
C GLU B 80 -6.59 -5.92 1.04
N GLY B 81 -5.86 -6.89 1.59
CA GLY B 81 -4.69 -6.53 2.38
C GLY B 81 -5.12 -5.94 3.71
N PHE B 82 -4.29 -5.03 4.21
CA PHE B 82 -4.53 -4.43 5.52
C PHE B 82 -5.73 -3.50 5.49
N THR B 83 -6.50 -3.55 6.56
CA THR B 83 -7.59 -2.64 6.84
C THR B 83 -7.35 -2.01 8.21
N TRP B 84 -8.21 -1.06 8.56
CA TRP B 84 -8.25 -0.55 9.92
C TRP B 84 -9.11 -1.47 10.79
N SER B 85 -9.27 -1.09 12.06
CA SER B 85 -9.83 -2.02 13.04
C SER B 85 -11.29 -2.38 12.75
N ASP B 86 -12.04 -1.44 12.19
CA ASP B 86 -13.44 -1.65 11.83
C ASP B 86 -13.59 -2.24 10.42
N GLY B 87 -12.50 -2.58 9.75
CA GLY B 87 -12.56 -3.05 8.38
C GLY B 87 -12.42 -1.98 7.32
N SER B 88 -12.33 -0.70 7.71
CA SER B 88 -12.20 0.38 6.74
C SER B 88 -10.92 0.20 5.92
N PRO B 89 -10.93 0.58 4.65
CA PRO B 89 -9.72 0.40 3.84
C PRO B 89 -8.62 1.34 4.26
N VAL B 90 -7.38 0.89 4.08
CA VAL B 90 -6.23 1.76 4.20
C VAL B 90 -6.10 2.56 2.92
N SER B 91 -6.08 3.88 3.04
CA SER B 91 -5.84 4.77 1.91
CA SER B 91 -5.84 4.78 1.92
C SER B 91 -4.50 5.46 2.14
N TYR B 92 -4.48 6.51 2.95
CA TYR B 92 -3.21 7.08 3.38
C TYR B 92 -2.40 5.97 4.06
N GLU B 93 -1.11 5.89 3.72
CA GLU B 93 -0.24 4.91 4.34
C GLU B 93 1.11 5.51 4.66
N ASN B 94 1.76 4.96 5.68
CA ASN B 94 3.12 5.36 6.02
C ASN B 94 3.96 4.16 6.44
N TRP B 95 3.85 3.07 5.69
CA TRP B 95 4.68 1.90 5.96
C TRP B 95 6.16 2.24 5.85
N ALA B 96 6.96 1.65 6.74
CA ALA B 96 8.41 1.73 6.60
C ALA B 96 8.84 1.05 5.31
N TYR B 97 10.09 1.32 4.90
CA TYR B 97 10.59 0.77 3.65
C TYR B 97 10.52 -0.76 3.67
N GLY B 98 9.98 -1.34 2.60
CA GLY B 98 9.83 -2.77 2.48
C GLY B 98 8.70 -3.37 3.30
N GLU B 99 7.91 -2.55 4.02
CA GLU B 99 6.81 -3.10 4.80
C GLU B 99 5.50 -2.84 4.07
N PRO B 100 4.44 -3.64 4.33
CA PRO B 100 4.43 -4.84 5.16
C PRO B 100 5.06 -6.03 4.42
N ASN B 101 5.85 -6.83 5.15
CA ASN B 101 6.65 -7.88 4.55
C ASN B 101 6.28 -9.29 4.99
N ASN B 102 5.33 -9.45 5.91
CA ASN B 102 4.99 -10.76 6.48
C ASN B 102 6.24 -11.53 6.89
N TYR B 103 7.06 -10.90 7.73
CA TYR B 103 8.32 -11.50 8.14
C TYR B 103 8.08 -12.83 8.85
N GLN B 104 8.73 -13.88 8.34
CA GLN B 104 8.58 -15.25 8.83
C GLN B 104 7.13 -15.75 8.78
N ASN B 105 6.30 -15.12 7.96
CA ASN B 105 4.95 -15.58 7.63
C ASN B 105 3.95 -15.45 8.76
N VAL B 106 4.22 -14.64 9.78
CA VAL B 106 3.40 -14.61 10.98
C VAL B 106 2.85 -13.23 11.31
N GLU B 107 2.90 -12.27 10.36
CA GLU B 107 2.61 -10.86 10.67
C GLU B 107 1.30 -10.40 10.02
N TYR B 108 0.24 -10.28 10.83
CA TYR B 108 -1.09 -9.93 10.32
C TYR B 108 -1.70 -8.72 11.01
N CYS B 109 -0.93 -8.00 11.82
CA CYS B 109 -1.37 -6.77 12.47
C CYS B 109 -0.27 -5.72 12.29
N GLY B 110 -0.59 -4.46 12.55
CA GLY B 110 0.36 -3.38 12.32
C GLY B 110 0.61 -2.50 13.53
N GLU B 111 1.87 -2.09 13.68
CA GLU B 111 2.34 -1.24 14.76
C GLU B 111 2.96 0.05 14.19
N LEU B 112 3.01 1.06 15.05
CA LEU B 112 3.69 2.32 14.80
C LEU B 112 5.02 2.35 15.55
N LYS B 113 6.08 2.73 14.85
CA LYS B 113 7.35 3.04 15.48
C LYS B 113 7.32 4.52 15.84
N GLY B 114 7.29 4.80 17.15
CA GLY B 114 7.11 6.16 17.64
C GLY B 114 8.35 7.03 17.61
N ASP B 115 8.94 7.18 16.43
CA ASP B 115 10.04 8.11 16.23
C ASP B 115 9.57 9.14 15.19
N PRO B 116 10.37 10.16 14.84
CA PRO B 116 9.84 11.23 14.00
C PRO B 116 9.31 10.77 12.64
N THR B 117 9.82 9.66 12.09
CA THR B 117 9.31 9.20 10.81
C THR B 117 7.91 8.62 10.91
N MET B 118 7.49 8.19 12.10
CA MET B 118 6.12 7.70 12.34
C MET B 118 5.74 6.56 11.39
N SER B 119 6.68 5.65 11.13
CA SER B 119 6.49 4.60 10.15
CA SER B 119 6.49 4.60 10.15
C SER B 119 5.75 3.41 10.75
N TRP B 120 5.11 2.63 9.87
CA TRP B 120 4.34 1.46 10.25
C TRP B 120 5.06 0.17 9.85
N ASN B 121 4.78 -0.89 10.62
CA ASN B 121 5.38 -2.20 10.35
C ASN B 121 4.37 -3.27 10.72
N ASP B 122 4.26 -4.30 9.88
CA ASP B 122 3.46 -5.46 10.26
C ASP B 122 4.24 -6.36 11.20
N ILE B 123 3.55 -6.90 12.21
CA ILE B 123 4.13 -7.78 13.21
C ILE B 123 3.10 -8.81 13.63
N ASN B 124 3.55 -9.82 14.37
CA ASN B 124 2.66 -10.85 14.91
C ASN B 124 1.62 -10.23 15.84
N CYS B 125 0.36 -10.55 15.59
CA CYS B 125 -0.76 -10.01 16.37
C CYS B 125 -0.70 -10.39 17.84
N GLU B 126 0.03 -11.45 18.21
CA GLU B 126 0.12 -11.88 19.58
C GLU B 126 1.25 -11.19 20.34
N HIS B 127 2.04 -10.35 19.68
CA HIS B 127 3.09 -9.61 20.36
C HIS B 127 2.49 -8.63 21.36
N LEU B 128 3.18 -8.44 22.48
CA LEU B 128 2.73 -7.51 23.51
C LEU B 128 3.30 -6.13 23.22
N ASN B 129 2.43 -5.14 23.05
CA ASN B 129 2.85 -3.79 22.71
C ASN B 129 2.07 -2.78 23.54
N ASN B 130 2.55 -1.54 23.53
CA ASN B 130 1.75 -0.37 23.87
C ASN B 130 0.66 -0.21 22.81
N TRP B 131 -0.26 0.75 22.98
CA TRP B 131 -1.31 0.94 21.99
C TRP B 131 -1.79 2.38 22.00
N ILE B 132 -2.55 2.74 20.97
CA ILE B 132 -3.13 4.07 20.81
C ILE B 132 -4.60 3.89 20.52
N CYS B 133 -5.45 4.62 21.25
CA CYS B 133 -6.88 4.60 20.98
C CYS B 133 -7.32 5.88 20.28
N GLN B 134 -8.44 5.76 19.57
CA GLN B 134 -9.15 6.89 19.02
C GLN B 134 -10.57 6.90 19.57
N ILE B 135 -11.16 8.08 19.64
CA ILE B 135 -12.56 8.22 20.02
C ILE B 135 -13.14 9.48 19.40
C1 MAN C . 16.02 -9.17 -14.31
C2 MAN C . 16.62 -8.67 -15.66
C3 MAN C . 16.47 -7.15 -15.78
C4 MAN C . 15.02 -6.72 -15.47
C5 MAN C . 14.66 -7.19 -14.07
C6 MAN C . 13.24 -6.80 -13.68
O1 MAN C . 16.95 -8.86 -13.30
O2 MAN C . 15.88 -9.19 -16.78
O3 MAN C . 16.84 -6.67 -17.07
O4 MAN C . 14.87 -5.30 -15.55
O5 MAN C . 14.74 -8.64 -14.04
O6 MAN C . 12.34 -7.58 -14.45
C1 MAN C . 16.18 -10.56 -17.11
C2 MAN C . 15.83 -10.69 -18.59
C3 MAN C . 14.31 -10.46 -18.71
C4 MAN C . 13.52 -11.44 -17.85
C5 MAN C . 14.00 -11.35 -16.40
C6 MAN C . 13.42 -12.47 -15.54
O2 MAN C . 16.08 -11.99 -19.08
O3 MAN C . 13.87 -10.56 -20.05
O4 MAN C . 12.14 -11.11 -17.93
O5 MAN C . 15.45 -11.48 -16.35
O6 MAN C . 13.80 -12.26 -14.18
C1 MAN D . 12.88 -5.45 14.59
C2 MAN D . 12.93 -4.57 13.36
C3 MAN D . 12.50 -3.16 13.73
C4 MAN D . 11.14 -3.17 14.45
C5 MAN D . 11.23 -4.08 15.68
C6 MAN D . 9.92 -4.17 16.46
O1 MAN D . 13.95 -5.02 15.40
O2 MAN D . 11.96 -4.98 12.38
O3 MAN D . 12.42 -2.32 12.59
O4 MAN D . 10.77 -1.86 14.88
O5 MAN D . 11.61 -5.40 15.24
O6 MAN D . 8.92 -4.72 15.64
C1 MAN D . 12.29 -6.24 11.78
C2 MAN D . 11.74 -6.24 10.34
C3 MAN D . 10.22 -6.24 10.40
C4 MAN D . 9.67 -7.35 11.27
C5 MAN D . 10.33 -7.33 12.66
C6 MAN D . 9.99 -8.55 13.48
O2 MAN D . 12.17 -7.46 9.68
O3 MAN D . 9.61 -6.34 9.13
O4 MAN D . 8.28 -7.11 11.41
O5 MAN D . 11.79 -7.31 12.51
O6 MAN D . 10.59 -8.40 14.77
CA CA E . 11.43 -10.65 -20.41
CA CA F . -4.53 5.51 -22.68
CA CA F . -3.62 4.66 -22.18
C1 PEG G . 5.39 -13.47 -24.73
O1 PEG G . 6.58 -12.71 -24.69
C2 PEG G . 4.94 -13.79 -26.11
O2 PEG G . 5.81 -14.74 -26.72
C3 PEG G . 5.29 -15.27 -27.93
C4 PEG G . 6.28 -16.19 -28.57
O4 PEG G . 6.66 -17.26 -27.70
CA CA H . 7.12 -6.58 9.20
#